data_6OEW
#
_entry.id   6OEW
#
_cell.length_a   65.510
_cell.length_b   65.510
_cell.length_c   261.930
_cell.angle_alpha   90.000
_cell.angle_beta   90.000
_cell.angle_gamma   90.000
#
_symmetry.space_group_name_H-M   'P 43 21 2'
#
loop_
_entity.id
_entity.type
_entity.pdbx_description
1 polymer Cytidylyltransferase
2 non-polymer 'MAGNESIUM ION'
3 non-polymer 1,2-ETHANEDIOL
4 non-polymer 'CHLORIDE ION'
5 water water
#
_entity_poly.entity_id   1
_entity_poly.type   'polypeptide(L)'
_entity_poly.pdbx_seq_one_letter_code
;MAHHHHHHMKVGILIQARMGSTRLPGKIALPFGDTTILGFMLERLKFSKFQENVVVLTTEENIDDKTEEIAKKNGVSVFR
GSANDLIQRYLDAAKTYNIDIIVRLTGDCPLIDSKILDLMVDLFLYNQGRIEFLTNCFQRTFARGMDIEIFTLSLLEKLD
SICRLPYEREHIVPYVEENTEKFKFFEYPNERDDSKYRLTIDTIEDYETLKSCISYFLSKEFSYVDLIEVIKKNPSIIQN
QTIYHKAYTE
;
_entity_poly.pdbx_strand_id   A,B
#
loop_
_chem_comp.id
_chem_comp.type
_chem_comp.name
_chem_comp.formula
CL non-polymer 'CHLORIDE ION' 'Cl -1'
EDO non-polymer 1,2-ETHANEDIOL 'C2 H6 O2'
MG non-polymer 'MAGNESIUM ION' 'Mg 2'
#
# COMPACT_ATOMS: atom_id res chain seq x y z
N HIS A 8 -11.24 -9.10 -6.39
CA HIS A 8 -10.89 -7.81 -6.98
C HIS A 8 -10.62 -6.71 -5.93
N MET A 9 -11.21 -6.81 -4.74
CA MET A 9 -11.16 -5.73 -3.76
C MET A 9 -10.01 -5.93 -2.79
N LYS A 10 -9.24 -4.87 -2.56
CA LYS A 10 -8.13 -4.96 -1.61
C LYS A 10 -8.63 -4.48 -0.26
N VAL A 11 -8.54 -5.36 0.74
CA VAL A 11 -8.92 -5.04 2.11
C VAL A 11 -7.66 -4.58 2.85
N GLY A 12 -7.78 -3.47 3.60
CA GLY A 12 -6.70 -2.97 4.42
C GLY A 12 -7.16 -2.78 5.86
N ILE A 13 -6.38 -3.25 6.83
CA ILE A 13 -6.67 -2.99 8.23
C ILE A 13 -5.83 -1.78 8.66
N LEU A 14 -6.49 -0.64 8.85
CA LEU A 14 -5.82 0.63 9.03
C LEU A 14 -6.07 1.07 10.47
N ILE A 15 -5.02 1.01 11.30
CA ILE A 15 -5.13 1.24 12.73
C ILE A 15 -4.61 2.63 13.04
N GLN A 16 -5.47 3.50 13.54
CA GLN A 16 -5.02 4.81 13.98
C GLN A 16 -4.51 4.74 15.42
N ALA A 17 -3.32 5.27 15.64
CA ALA A 17 -2.72 5.22 16.97
C ALA A 17 -1.76 6.39 17.09
N ARG A 18 -1.68 6.96 18.29
CA ARG A 18 -0.76 8.05 18.54
C ARG A 18 -0.42 8.10 20.02
N MET A 19 0.78 8.62 20.31
CA MET A 19 1.22 8.77 21.70
C MET A 19 0.44 9.87 22.40
N GLY A 20 0.19 10.97 21.70
CA GLY A 20 -0.52 12.10 22.30
C GLY A 20 -2.03 11.92 22.29
N SER A 21 -2.50 10.73 22.66
CA SER A 21 -3.93 10.48 22.68
C SER A 21 -4.62 11.40 23.68
N THR A 22 -5.89 11.69 23.41
CA THR A 22 -6.66 12.57 24.27
C THR A 22 -6.78 11.99 25.68
N ARG A 23 -7.06 10.70 25.78
CA ARG A 23 -7.17 10.03 27.06
C ARG A 23 -5.94 9.17 27.28
N LEU A 24 -5.33 9.33 28.45
CA LEU A 24 -4.15 8.58 28.88
C LEU A 24 -3.05 8.63 27.83
N PRO A 25 -2.55 9.82 27.49
CA PRO A 25 -1.45 9.91 26.52
C PRO A 25 -0.31 8.99 26.95
N GLY A 26 0.27 8.29 25.95
CA GLY A 26 1.37 7.36 26.19
C GLY A 26 0.93 5.92 26.36
N LYS A 27 -0.38 5.68 26.40
CA LYS A 27 -0.85 4.35 26.78
C LYS A 27 -0.44 3.29 25.76
N ILE A 28 -0.32 3.65 24.48
CA ILE A 28 -0.01 2.63 23.49
C ILE A 28 1.37 2.05 23.68
N ALA A 29 2.24 2.75 24.41
CA ALA A 29 3.60 2.32 24.71
C ALA A 29 3.71 1.67 26.09
N LEU A 30 2.61 1.51 26.82
CA LEU A 30 2.68 0.88 28.13
C LEU A 30 3.05 -0.60 28.02
N PRO A 31 3.81 -1.11 28.98
CA PRO A 31 4.11 -2.54 29.00
C PRO A 31 2.83 -3.36 29.08
N PHE A 32 2.76 -4.42 28.28
CA PHE A 32 1.56 -5.26 28.22
C PHE A 32 1.98 -6.66 27.79
N GLY A 33 1.79 -7.64 28.66
CA GLY A 33 2.36 -8.95 28.37
C GLY A 33 3.85 -8.83 28.20
N ASP A 34 4.39 -9.49 27.17
CA ASP A 34 5.81 -9.36 26.88
C ASP A 34 6.09 -8.26 25.87
N THR A 35 5.14 -7.35 25.63
CA THR A 35 5.32 -6.33 24.62
C THR A 35 4.73 -5.00 25.11
N THR A 36 4.19 -4.20 24.19
CA THR A 36 3.48 -2.97 24.49
C THR A 36 1.99 -3.15 24.20
N ILE A 37 1.18 -2.18 24.65
CA ILE A 37 -0.25 -2.22 24.34
C ILE A 37 -0.47 -2.33 22.83
N LEU A 38 0.16 -1.45 22.05
CA LEU A 38 -0.02 -1.49 20.60
C LEU A 38 0.61 -2.73 19.99
N GLY A 39 1.79 -3.14 20.47
CA GLY A 39 2.40 -4.37 19.94
C GLY A 39 1.54 -5.60 20.17
N PHE A 40 0.93 -5.70 21.35
CA PHE A 40 -0.01 -6.79 21.62
C PHE A 40 -1.14 -6.82 20.60
N MET A 41 -1.72 -5.65 20.30
CA MET A 41 -2.78 -5.56 19.30
C MET A 41 -2.31 -6.07 17.93
N LEU A 42 -1.14 -5.63 17.51
CA LEU A 42 -0.61 -6.04 16.22
C LEU A 42 -0.39 -7.55 16.19
N GLU A 43 0.10 -8.14 17.28
CA GLU A 43 0.27 -9.59 17.33
C GLU A 43 -1.06 -10.31 17.20
N ARG A 44 -2.12 -9.76 17.81
CA ARG A 44 -3.45 -10.36 17.69
C ARG A 44 -3.98 -10.25 16.26
N LEU A 45 -3.68 -9.16 15.57
CA LEU A 45 -4.14 -8.99 14.20
C LEU A 45 -3.33 -9.81 13.20
N LYS A 46 -2.16 -10.31 13.59
CA LYS A 46 -1.42 -11.20 12.71
C LYS A 46 -2.20 -12.47 12.39
N PHE A 47 -3.18 -12.83 13.22
CA PHE A 47 -3.98 -14.03 12.98
C PHE A 47 -5.11 -13.79 11.98
N SER A 48 -5.34 -12.56 11.54
CA SER A 48 -6.40 -12.29 10.58
C SER A 48 -6.04 -12.83 9.21
N LYS A 49 -7.04 -13.35 8.48
CA LYS A 49 -6.73 -13.71 7.11
C LYS A 49 -6.39 -12.48 6.26
N PHE A 50 -6.61 -11.26 6.77
CA PHE A 50 -6.25 -10.04 6.06
C PHE A 50 -5.01 -9.37 6.66
N GLN A 51 -4.14 -10.12 7.32
CA GLN A 51 -3.06 -9.51 8.11
C GLN A 51 -1.98 -8.86 7.26
N GLU A 52 -1.82 -9.26 6.00
CA GLU A 52 -0.70 -8.74 5.24
C GLU A 52 -0.85 -7.26 4.90
N ASN A 53 -2.07 -6.71 4.97
CA ASN A 53 -2.27 -5.28 4.70
C ASN A 53 -2.65 -4.53 5.95
N VAL A 54 -1.95 -4.77 7.06
CA VAL A 54 -2.13 -3.97 8.27
C VAL A 54 -1.21 -2.76 8.13
N VAL A 55 -1.75 -1.58 8.39
CA VAL A 55 -0.97 -0.34 8.42
C VAL A 55 -1.32 0.40 9.70
N VAL A 56 -0.29 0.89 10.41
CA VAL A 56 -0.51 1.80 11.53
C VAL A 56 -0.45 3.22 11.00
N LEU A 57 -1.50 3.99 11.28
CA LEU A 57 -1.64 5.36 10.83
C LEU A 57 -1.41 6.24 12.05
N THR A 58 -0.35 7.04 12.03
CA THR A 58 -0.06 7.87 13.20
C THR A 58 0.24 9.29 12.71
N THR A 59 0.77 10.16 13.58
CA THR A 59 1.05 11.54 13.18
C THR A 59 2.51 11.71 12.82
N GLU A 60 2.84 12.89 12.33
CA GLU A 60 4.19 13.28 11.98
C GLU A 60 4.95 13.89 13.15
N GLU A 61 4.32 14.00 14.31
CA GLU A 61 4.99 14.60 15.45
CA GLU A 61 4.97 14.58 15.47
C GLU A 61 6.08 13.67 15.98
N ASN A 62 7.15 14.28 16.49
CA ASN A 62 8.31 13.54 16.94
C ASN A 62 7.96 12.46 17.96
N ILE A 63 6.95 12.70 18.80
CA ILE A 63 6.64 11.71 19.84
C ILE A 63 6.19 10.41 19.22
N ASP A 64 5.64 10.47 18.02
CA ASP A 64 5.12 9.27 17.39
C ASP A 64 6.19 8.50 16.62
N ASP A 65 7.45 8.94 16.71
CA ASP A 65 8.55 8.04 16.40
C ASP A 65 8.41 6.75 17.21
N LYS A 66 7.89 6.86 18.43
CA LYS A 66 7.67 5.67 19.25
C LYS A 66 6.63 4.76 18.61
N THR A 67 5.53 5.33 18.13
CA THR A 67 4.50 4.56 17.43
C THR A 67 5.06 3.89 16.19
N GLU A 68 5.82 4.64 15.38
CA GLU A 68 6.47 4.01 14.23
C GLU A 68 7.39 2.88 14.66
N GLU A 69 8.14 3.08 15.75
CA GLU A 69 9.07 2.06 16.24
C GLU A 69 8.33 0.77 16.61
N ILE A 70 7.21 0.92 17.33
CA ILE A 70 6.43 -0.24 17.74
C ILE A 70 5.89 -0.97 16.51
N ALA A 71 5.33 -0.22 15.55
CA ALA A 71 4.83 -0.85 14.33
C ALA A 71 5.93 -1.57 13.57
N LYS A 72 7.11 -0.95 13.48
CA LYS A 72 8.20 -1.56 12.71
C LYS A 72 8.70 -2.82 13.39
N LYS A 73 8.76 -2.82 14.72
CA LYS A 73 9.18 -4.00 15.47
C LYS A 73 8.27 -5.18 15.17
N ASN A 74 7.00 -4.90 14.88
CA ASN A 74 6.01 -5.91 14.57
C ASN A 74 5.84 -6.15 13.08
N GLY A 75 6.70 -5.56 12.25
CA GLY A 75 6.68 -5.86 10.82
C GLY A 75 5.46 -5.39 10.07
N VAL A 76 4.82 -4.30 10.49
CA VAL A 76 3.69 -3.78 9.74
C VAL A 76 4.08 -2.42 9.16
N SER A 77 3.30 -1.96 8.18
CA SER A 77 3.64 -0.70 7.54
C SER A 77 3.11 0.45 8.37
N VAL A 78 3.65 1.65 8.09
CA VAL A 78 3.34 2.84 8.87
C VAL A 78 3.04 3.98 7.91
N PHE A 79 1.98 4.72 8.21
CA PHE A 79 1.66 5.95 7.48
C PHE A 79 1.60 7.08 8.49
N ARG A 80 2.34 8.15 8.23
CA ARG A 80 2.43 9.29 9.14
C ARG A 80 1.83 10.51 8.46
N GLY A 81 0.75 11.02 9.04
CA GLY A 81 -0.01 12.10 8.43
C GLY A 81 -0.69 12.97 9.45
N SER A 82 -1.88 13.48 9.09
CA SER A 82 -2.51 14.57 9.83
C SER A 82 -2.82 14.17 11.26
N ALA A 83 -2.53 15.08 12.21
CA ALA A 83 -2.80 14.76 13.60
C ALA A 83 -4.30 14.73 13.91
N ASN A 84 -5.04 15.77 13.48
CA ASN A 84 -6.45 15.90 13.86
C ASN A 84 -7.42 15.65 12.71
N ASP A 85 -6.96 15.56 11.47
CA ASP A 85 -7.87 15.30 10.36
C ASP A 85 -7.72 13.82 10.02
N LEU A 86 -8.52 12.99 10.71
CA LEU A 86 -8.43 11.55 10.51
C LEU A 86 -9.03 11.14 9.17
N ILE A 87 -9.99 11.90 8.65
CA ILE A 87 -10.48 11.60 7.31
C ILE A 87 -9.34 11.72 6.32
N GLN A 88 -8.54 12.79 6.43
CA GLN A 88 -7.41 12.97 5.53
C GLN A 88 -6.35 11.89 5.76
N ARG A 89 -6.08 11.57 7.03
CA ARG A 89 -5.08 10.55 7.31
C ARG A 89 -5.49 9.19 6.72
N TYR A 90 -6.77 8.82 6.88
CA TYR A 90 -7.23 7.53 6.33
C TYR A 90 -7.33 7.58 4.81
N LEU A 91 -7.74 8.72 4.26
CA LEU A 91 -7.84 8.81 2.81
C LEU A 91 -6.46 8.78 2.17
N ASP A 92 -5.50 9.51 2.75
CA ASP A 92 -4.11 9.45 2.28
C ASP A 92 -3.58 8.01 2.32
N ALA A 93 -3.77 7.32 3.45
CA ALA A 93 -3.25 5.97 3.59
C ALA A 93 -3.91 5.01 2.62
N ALA A 94 -5.24 5.08 2.49
CA ALA A 94 -5.95 4.17 1.60
C ALA A 94 -5.50 4.34 0.16
N LYS A 95 -5.33 5.59 -0.28
CA LYS A 95 -4.85 5.82 -1.63
C LYS A 95 -3.41 5.35 -1.79
N THR A 96 -2.56 5.64 -0.79
CA THR A 96 -1.17 5.20 -0.84
C THR A 96 -1.06 3.70 -1.03
N TYR A 97 -1.88 2.93 -0.33
CA TYR A 97 -1.78 1.48 -0.35
C TYR A 97 -2.80 0.83 -1.28
N ASN A 98 -3.49 1.62 -2.11
CA ASN A 98 -4.51 1.14 -3.05
C ASN A 98 -5.54 0.25 -2.34
N ILE A 99 -6.05 0.74 -1.20
CA ILE A 99 -7.05 0.02 -0.43
C ILE A 99 -8.45 0.37 -0.96
N ASP A 100 -9.26 -0.65 -1.20
CA ASP A 100 -10.66 -0.49 -1.59
C ASP A 100 -11.62 -0.62 -0.44
N ILE A 101 -11.35 -1.53 0.50
CA ILE A 101 -12.20 -1.78 1.67
CA ILE A 101 -12.20 -1.76 1.67
C ILE A 101 -11.40 -1.48 2.93
N ILE A 102 -11.79 -0.44 3.65
CA ILE A 102 -11.06 -0.01 4.84
C ILE A 102 -11.63 -0.67 6.09
N VAL A 103 -10.80 -1.38 6.84
CA VAL A 103 -11.16 -1.84 8.18
C VAL A 103 -10.54 -0.84 9.16
N ARG A 104 -11.38 -0.03 9.77
CA ARG A 104 -10.91 1.02 10.66
C ARG A 104 -10.87 0.50 12.10
N LEU A 105 -9.67 0.51 12.70
CA LEU A 105 -9.46 0.16 14.09
C LEU A 105 -8.69 1.30 14.75
N THR A 106 -8.77 1.35 16.07
CA THR A 106 -8.04 2.34 16.85
C THR A 106 -7.17 1.64 17.87
N GLY A 107 -6.04 2.25 18.18
CA GLY A 107 -5.05 1.63 19.05
C GLY A 107 -5.42 1.55 20.52
N ASP A 108 -6.64 1.91 20.90
CA ASP A 108 -7.05 1.66 22.27
C ASP A 108 -7.85 0.37 22.40
N CYS A 109 -7.78 -0.50 21.41
CA CYS A 109 -8.47 -1.80 21.43
C CYS A 109 -7.48 -2.95 21.34
N PRO A 110 -6.59 -3.08 22.34
CA PRO A 110 -5.51 -4.07 22.22
C PRO A 110 -5.97 -5.52 22.19
N LEU A 111 -7.17 -5.86 22.67
CA LEU A 111 -7.64 -7.24 22.68
C LEU A 111 -8.56 -7.56 21.53
N ILE A 112 -8.55 -6.72 20.49
CA ILE A 112 -9.36 -6.95 19.29
C ILE A 112 -9.20 -8.39 18.83
N ASP A 113 -10.30 -8.98 18.38
CA ASP A 113 -10.35 -10.40 18.01
C ASP A 113 -10.36 -10.51 16.49
N SER A 114 -9.34 -11.15 15.93
CA SER A 114 -9.23 -11.19 14.48
C SER A 114 -10.32 -12.04 13.84
N LYS A 115 -10.89 -12.98 14.61
CA LYS A 115 -11.96 -13.83 14.04
C LYS A 115 -13.23 -13.02 13.81
N ILE A 116 -13.56 -12.11 14.73
CA ILE A 116 -14.70 -11.23 14.53
C ILE A 116 -14.45 -10.30 13.35
N LEU A 117 -13.26 -9.70 13.31
CA LEU A 117 -12.90 -8.87 12.16
C LEU A 117 -13.09 -9.62 10.85
N ASP A 118 -12.60 -10.87 10.78
CA ASP A 118 -12.66 -11.60 9.51
C ASP A 118 -14.10 -11.92 9.13
N LEU A 119 -14.93 -12.28 10.13
CA LEU A 119 -16.33 -12.57 9.83
C LEU A 119 -17.04 -11.34 9.29
N MET A 120 -16.73 -10.18 9.86
CA MET A 120 -17.35 -8.94 9.41
C MET A 120 -16.91 -8.60 8.00
N VAL A 121 -15.62 -8.79 7.71
CA VAL A 121 -15.16 -8.51 6.36
C VAL A 121 -15.83 -9.46 5.38
N ASP A 122 -15.93 -10.76 5.75
CA ASP A 122 -16.57 -11.73 4.88
C ASP A 122 -18.00 -11.33 4.57
N LEU A 123 -18.74 -10.90 5.60
CA LEU A 123 -20.11 -10.43 5.37
C LEU A 123 -20.15 -9.24 4.41
N PHE A 124 -19.22 -8.29 4.59
CA PHE A 124 -19.15 -7.11 3.73
C PHE A 124 -18.89 -7.52 2.29
N LEU A 125 -17.89 -8.38 2.07
CA LEU A 125 -17.52 -8.77 0.72
C LEU A 125 -18.63 -9.58 0.04
N TYR A 126 -19.37 -10.39 0.81
CA TYR A 126 -20.42 -11.21 0.22
C TYR A 126 -21.60 -10.39 -0.28
N ASN A 127 -21.72 -9.15 0.17
CA ASN A 127 -22.82 -8.27 -0.17
C ASN A 127 -22.30 -7.05 -0.94
N GLN A 128 -21.28 -7.26 -1.78
CA GLN A 128 -20.66 -6.13 -2.49
C GLN A 128 -21.72 -5.35 -3.26
N GLY A 129 -21.80 -4.05 -3.02
CA GLY A 129 -22.74 -3.20 -3.69
C GLY A 129 -24.06 -3.02 -2.96
N ARG A 130 -24.33 -3.83 -1.94
CA ARG A 130 -25.47 -3.59 -1.08
C ARG A 130 -25.07 -3.00 0.27
N ILE A 131 -23.77 -2.99 0.58
CA ILE A 131 -23.27 -2.44 1.85
CA ILE A 131 -23.28 -2.44 1.83
C ILE A 131 -22.09 -1.55 1.54
N GLU A 132 -22.09 -0.36 2.10
CA GLU A 132 -20.91 0.48 2.02
C GLU A 132 -20.33 0.77 3.39
N PHE A 133 -21.06 0.47 4.46
CA PHE A 133 -20.60 0.75 5.82
C PHE A 133 -21.14 -0.34 6.76
N LEU A 134 -20.24 -1.07 7.41
CA LEU A 134 -20.61 -2.10 8.37
C LEU A 134 -19.92 -1.76 9.69
N THR A 135 -20.68 -1.73 10.79
CA THR A 135 -20.12 -1.46 12.12
C THR A 135 -20.67 -2.45 13.12
N ASN A 136 -19.90 -2.72 14.17
CA ASN A 136 -20.38 -3.43 15.35
C ASN A 136 -20.43 -2.53 16.58
N CYS A 137 -20.27 -1.21 16.39
CA CYS A 137 -20.18 -0.34 17.55
C CYS A 137 -21.05 0.91 17.40
N PHE A 138 -22.11 0.86 16.60
CA PHE A 138 -23.17 1.86 16.71
C PHE A 138 -24.07 1.41 17.85
N GLN A 139 -25.06 0.57 17.53
CA GLN A 139 -25.60 -0.31 18.57
C GLN A 139 -24.44 -1.11 19.15
N ARG A 140 -24.36 -1.20 20.47
CA ARG A 140 -23.26 -1.91 21.12
C ARG A 140 -23.76 -3.16 21.84
N THR A 141 -23.30 -4.34 21.38
CA THR A 141 -23.51 -5.57 22.10
C THR A 141 -22.22 -6.33 22.37
N PHE A 142 -21.09 -5.92 21.82
CA PHE A 142 -19.79 -6.40 22.27
C PHE A 142 -19.27 -5.51 23.40
N ALA A 143 -18.34 -6.05 24.17
CA ALA A 143 -17.62 -5.21 25.13
C ALA A 143 -16.95 -4.04 24.42
N ARG A 144 -16.85 -2.91 25.11
CA ARG A 144 -16.06 -1.81 24.55
C ARG A 144 -14.63 -2.28 24.34
N GLY A 145 -14.04 -1.89 23.21
CA GLY A 145 -12.74 -2.40 22.85
C GLY A 145 -12.72 -3.46 21.77
N MET A 146 -13.87 -3.93 21.30
CA MET A 146 -13.94 -4.78 20.13
C MET A 146 -14.36 -4.02 18.88
N ASP A 147 -14.29 -2.68 18.91
CA ASP A 147 -14.94 -1.85 17.88
C ASP A 147 -14.30 -2.08 16.52
N ILE A 148 -15.15 -2.33 15.53
CA ILE A 148 -14.72 -2.54 14.16
C ILE A 148 -15.70 -1.80 13.26
N GLU A 149 -15.16 -1.00 12.35
CA GLU A 149 -15.92 -0.34 11.31
C GLU A 149 -15.28 -0.68 9.99
N ILE A 150 -16.11 -0.97 8.98
CA ILE A 150 -15.65 -1.32 7.65
C ILE A 150 -16.40 -0.46 6.65
N PHE A 151 -15.66 0.20 5.76
CA PHE A 151 -16.33 0.99 4.75
C PHE A 151 -15.47 1.08 3.49
N THR A 152 -16.14 1.40 2.38
CA THR A 152 -15.48 1.50 1.08
C THR A 152 -14.67 2.79 1.00
N LEU A 153 -13.66 2.77 0.15
CA LEU A 153 -12.96 4.01 -0.16
C LEU A 153 -13.95 5.04 -0.71
N SER A 154 -14.92 4.58 -1.51
CA SER A 154 -15.90 5.52 -2.06
C SER A 154 -16.69 6.23 -0.97
N LEU A 155 -17.10 5.51 0.07
CA LEU A 155 -17.81 6.15 1.18
C LEU A 155 -16.91 7.17 1.86
N LEU A 156 -15.66 6.80 2.13
CA LEU A 156 -14.74 7.73 2.78
C LEU A 156 -14.57 9.00 1.94
N GLU A 157 -14.51 8.86 0.61
CA GLU A 157 -14.40 10.03 -0.26
C GLU A 157 -15.64 10.92 -0.15
N LYS A 158 -16.82 10.30 -0.06
CA LYS A 158 -18.04 11.09 0.15
C LYS A 158 -17.99 11.83 1.48
N LEU A 159 -17.49 11.18 2.53
CA LEU A 159 -17.35 11.90 3.81
C LEU A 159 -16.34 13.04 3.70
N ASP A 160 -15.19 12.79 3.04
CA ASP A 160 -14.22 13.86 2.82
C ASP A 160 -14.86 15.05 2.12
N SER A 161 -15.72 14.77 1.13
CA SER A 161 -16.36 15.85 0.39
C SER A 161 -17.42 16.57 1.21
N ILE A 162 -18.13 15.84 2.06
CA ILE A 162 -19.30 16.38 2.76
C ILE A 162 -18.90 17.10 4.04
N CYS A 163 -18.02 16.51 4.84
CA CYS A 163 -17.84 16.92 6.23
C CYS A 163 -16.80 18.02 6.40
N ARG A 164 -17.22 19.11 7.03
CA ARG A 164 -16.36 20.24 7.32
C ARG A 164 -16.16 20.48 8.81
N LEU A 165 -16.95 19.87 9.66
CA LEU A 165 -16.82 20.13 11.09
C LEU A 165 -15.61 19.40 11.65
N PRO A 166 -14.89 20.04 12.58
CA PRO A 166 -13.71 19.37 13.16
C PRO A 166 -14.05 18.06 13.86
N TYR A 167 -15.18 18.00 14.57
CA TYR A 167 -15.61 16.73 15.16
C TYR A 167 -15.75 15.64 14.09
N GLU A 168 -16.29 16.00 12.92
CA GLU A 168 -16.45 15.00 11.85
C GLU A 168 -15.11 14.57 11.28
N ARG A 169 -14.20 15.53 11.03
CA ARG A 169 -12.89 15.20 10.49
C ARG A 169 -12.08 14.35 11.45
N GLU A 170 -12.26 14.55 12.76
CA GLU A 170 -11.48 13.79 13.73
C GLU A 170 -12.02 12.38 13.93
N HIS A 171 -13.34 12.18 13.88
CA HIS A 171 -13.91 10.88 14.22
C HIS A 171 -14.38 10.08 13.02
N ILE A 172 -14.47 10.71 11.85
CA ILE A 172 -14.76 10.08 10.56
C ILE A 172 -16.23 9.70 10.43
N VAL A 173 -16.70 8.81 11.29
CA VAL A 173 -18.02 8.19 11.14
C VAL A 173 -19.23 9.01 11.61
N PRO A 174 -19.11 10.08 12.42
CA PRO A 174 -20.33 10.65 13.02
C PRO A 174 -21.42 11.00 12.02
N TYR A 175 -21.07 11.53 10.86
CA TYR A 175 -22.11 11.87 9.90
C TYR A 175 -22.86 10.62 9.44
N VAL A 176 -22.16 9.48 9.31
CA VAL A 176 -22.84 8.24 8.91
C VAL A 176 -23.81 7.81 10.01
N GLU A 177 -23.34 7.81 11.26
CA GLU A 177 -24.14 7.34 12.38
C GLU A 177 -25.40 8.17 12.57
N GLU A 178 -25.35 9.47 12.32
CA GLU A 178 -26.51 10.32 12.53
C GLU A 178 -27.34 10.50 11.28
N ASN A 179 -26.95 9.88 10.16
CA ASN A 179 -27.71 9.94 8.92
C ASN A 179 -27.73 8.56 8.25
N THR A 180 -28.05 7.53 9.02
CA THR A 180 -27.90 6.16 8.51
C THR A 180 -28.73 5.92 7.27
N GLU A 181 -29.93 6.53 7.21
CA GLU A 181 -30.80 6.27 6.07
C GLU A 181 -30.26 6.87 4.78
N LYS A 182 -29.13 7.59 4.83
CA LYS A 182 -28.48 8.12 3.64
C LYS A 182 -27.42 7.17 3.07
N PHE A 183 -27.11 6.09 3.75
CA PHE A 183 -26.03 5.19 3.33
C PHE A 183 -26.49 3.75 3.34
N LYS A 184 -25.74 2.90 2.64
CA LYS A 184 -25.99 1.46 2.69
C LYS A 184 -25.33 0.93 3.97
N PHE A 185 -26.03 1.17 5.07
CA PHE A 185 -25.55 1.04 6.45
C PHE A 185 -26.05 -0.26 7.06
N PHE A 186 -25.16 -0.99 7.73
CA PHE A 186 -25.53 -2.25 8.36
C PHE A 186 -24.74 -2.46 9.63
N GLU A 187 -25.30 -3.25 10.54
CA GLU A 187 -24.71 -3.47 11.85
C GLU A 187 -24.53 -4.95 12.14
N TYR A 188 -23.52 -5.24 12.94
CA TYR A 188 -23.13 -6.60 13.23
C TYR A 188 -23.27 -6.87 14.73
N PRO A 189 -24.19 -7.74 15.15
CA PRO A 189 -24.40 -7.99 16.58
C PRO A 189 -23.48 -9.05 17.17
N ASN A 190 -23.30 -8.94 18.48
CA ASN A 190 -22.83 -10.03 19.32
C ASN A 190 -23.98 -11.01 19.59
N GLU A 191 -23.64 -12.22 20.01
CA GLU A 191 -24.70 -13.19 20.27
C GLU A 191 -25.48 -12.88 21.55
N ARG A 192 -24.85 -12.17 22.48
CA ARG A 192 -25.51 -11.72 23.70
C ARG A 192 -25.05 -10.29 23.94
N ASP A 193 -25.60 -9.66 24.97
CA ASP A 193 -25.26 -8.24 25.22
C ASP A 193 -24.13 -8.18 26.25
N ASP A 194 -22.91 -7.93 25.77
CA ASP A 194 -21.72 -7.78 26.61
C ASP A 194 -21.30 -6.34 26.78
N SER A 195 -22.15 -5.38 26.40
CA SER A 195 -21.72 -3.99 26.40
C SER A 195 -21.35 -3.48 27.80
N LYS A 196 -21.80 -4.17 28.86
CA LYS A 196 -21.46 -3.73 30.22
C LYS A 196 -19.98 -3.90 30.53
N TYR A 197 -19.24 -4.62 29.69
CA TYR A 197 -17.81 -4.80 29.90
C TYR A 197 -17.03 -3.76 29.11
N ARG A 198 -16.02 -3.19 29.75
CA ARG A 198 -15.18 -2.17 29.13
C ARG A 198 -13.78 -2.72 28.97
N LEU A 199 -13.37 -2.95 27.72
CA LEU A 199 -12.08 -3.55 27.45
C LEU A 199 -11.25 -2.65 26.53
N THR A 200 -11.54 -1.36 26.53
CA THR A 200 -10.70 -0.39 25.86
C THR A 200 -9.78 0.25 26.91
N ILE A 201 -8.73 0.93 26.46
CA ILE A 201 -7.77 1.53 27.39
C ILE A 201 -7.84 3.05 27.25
N ASP A 202 -8.42 3.68 28.26
CA ASP A 202 -8.47 5.12 28.39
C ASP A 202 -8.07 5.59 29.79
N THR A 203 -8.01 4.70 30.77
CA THR A 203 -7.62 5.05 32.14
C THR A 203 -6.68 3.99 32.68
N ILE A 204 -6.06 4.32 33.82
CA ILE A 204 -5.20 3.38 34.52
C ILE A 204 -6.02 2.15 34.97
N GLU A 205 -7.26 2.37 35.38
CA GLU A 205 -8.13 1.27 35.79
C GLU A 205 -8.43 0.34 34.61
N ASP A 206 -8.57 0.90 33.40
CA ASP A 206 -8.72 0.04 32.21
C ASP A 206 -7.49 -0.83 32.05
N TYR A 207 -6.32 -0.21 32.14
CA TYR A 207 -5.04 -0.89 32.03
C TYR A 207 -4.94 -2.04 33.02
N GLU A 208 -5.27 -1.79 34.28
CA GLU A 208 -5.20 -2.84 35.31
CA GLU A 208 -5.16 -2.86 35.27
C GLU A 208 -6.13 -4.00 34.96
N THR A 209 -7.35 -3.66 34.50
CA THR A 209 -8.31 -4.67 34.05
C THR A 209 -7.74 -5.51 32.92
N LEU A 210 -7.21 -4.83 31.90
CA LEU A 210 -6.68 -5.53 30.74
C LEU A 210 -5.47 -6.38 31.11
N LYS A 211 -4.64 -5.87 32.02
CA LYS A 211 -3.51 -6.66 32.48
C LYS A 211 -3.98 -7.94 33.17
N SER A 212 -5.05 -7.83 33.95
CA SER A 212 -5.58 -9.02 34.61
C SER A 212 -6.14 -10.01 33.58
N CYS A 213 -6.85 -9.50 32.57
CA CYS A 213 -7.39 -10.32 31.50
C CYS A 213 -6.34 -11.23 30.89
N ILE A 214 -5.26 -10.64 30.36
CA ILE A 214 -4.33 -11.44 29.58
C ILE A 214 -3.60 -12.43 30.47
N SER A 215 -3.60 -12.22 31.79
CA SER A 215 -2.90 -13.13 32.68
C SER A 215 -3.54 -14.51 32.76
N TYR A 216 -4.77 -14.68 32.27
CA TYR A 216 -5.43 -15.98 32.28
C TYR A 216 -5.21 -16.78 31.02
N PHE A 217 -4.44 -16.26 30.08
CA PHE A 217 -4.22 -16.94 28.81
C PHE A 217 -2.73 -17.07 28.55
N LEU A 218 -2.34 -18.21 28.01
CA LEU A 218 -0.94 -18.54 27.85
C LEU A 218 -0.34 -17.96 26.58
N SER A 219 -1.17 -17.62 25.59
CA SER A 219 -0.70 -16.98 24.37
C SER A 219 -1.56 -15.76 24.08
N LYS A 220 -1.35 -15.12 22.94
CA LYS A 220 -2.18 -13.99 22.53
C LYS A 220 -3.29 -14.40 21.57
N GLU A 221 -3.51 -15.70 21.40
CA GLU A 221 -4.43 -16.20 20.38
C GLU A 221 -5.85 -16.43 20.92
N PHE A 222 -6.13 -16.07 22.16
CA PHE A 222 -7.42 -16.36 22.76
C PHE A 222 -8.52 -15.55 22.07
N SER A 223 -9.72 -16.11 22.03
CA SER A 223 -10.82 -15.45 21.34
C SER A 223 -11.56 -14.50 22.28
N TYR A 224 -12.42 -13.66 21.69
CA TYR A 224 -13.29 -12.78 22.46
C TYR A 224 -14.18 -13.58 23.41
N VAL A 225 -14.83 -14.63 22.93
CA VAL A 225 -15.72 -15.39 23.81
C VAL A 225 -14.94 -16.04 24.96
N ASP A 226 -13.74 -16.56 24.68
CA ASP A 226 -12.91 -17.08 25.78
C ASP A 226 -12.71 -16.02 26.86
N LEU A 227 -12.48 -14.78 26.43
CA LEU A 227 -12.19 -13.67 27.32
C LEU A 227 -13.39 -13.32 28.20
N ILE A 228 -14.57 -13.24 27.59
CA ILE A 228 -15.78 -12.97 28.37
C ILE A 228 -16.06 -14.10 29.35
N GLU A 229 -15.82 -15.36 28.93
CA GLU A 229 -16.08 -16.47 29.84
C GLU A 229 -15.12 -16.44 31.03
N VAL A 230 -13.87 -16.05 30.81
CA VAL A 230 -12.92 -15.93 31.93
C VAL A 230 -13.31 -14.79 32.86
N ILE A 231 -13.74 -13.65 32.31
CA ILE A 231 -14.24 -12.55 33.13
C ILE A 231 -15.47 -12.99 33.92
N LYS A 232 -16.37 -13.75 33.29
CA LYS A 232 -17.54 -14.22 34.01
C LYS A 232 -17.16 -15.18 35.14
N LYS A 233 -16.11 -15.99 34.95
CA LYS A 233 -15.69 -16.89 36.02
C LYS A 233 -14.85 -16.19 37.08
N ASN A 234 -14.18 -15.10 36.72
CA ASN A 234 -13.32 -14.34 37.63
C ASN A 234 -13.77 -12.88 37.61
N PRO A 235 -14.94 -12.58 38.19
CA PRO A 235 -15.47 -11.20 38.08
CA PRO A 235 -15.46 -11.20 38.08
C PRO A 235 -14.51 -10.13 38.58
N SER A 236 -13.58 -10.47 39.49
CA SER A 236 -12.65 -9.47 40.02
C SER A 236 -11.58 -9.05 39.02
N ILE A 237 -11.53 -9.66 37.85
CA ILE A 237 -10.70 -9.11 36.77
C ILE A 237 -11.08 -7.66 36.50
N ILE A 238 -12.37 -7.35 36.60
CA ILE A 238 -12.89 -6.04 36.21
C ILE A 238 -12.53 -5.05 37.31
N GLN A 239 -11.64 -4.10 36.98
CA GLN A 239 -11.17 -3.08 37.91
C GLN A 239 -11.48 -1.66 37.45
N ASN A 240 -12.22 -1.51 36.35
CA ASN A 240 -12.62 -0.21 35.83
C ASN A 240 -14.13 0.01 35.97
N GLN A 241 -14.76 -0.77 36.82
CA GLN A 241 -16.20 -0.78 37.03
C GLN A 241 -16.44 -1.45 38.37
N THR A 242 -17.40 -0.94 39.13
CA THR A 242 -17.73 -1.56 40.41
C THR A 242 -18.35 -2.94 40.17
N ILE A 243 -17.86 -3.94 40.92
CA ILE A 243 -18.33 -5.32 40.84
C ILE A 243 -19.33 -5.56 41.96
N TYR A 244 -20.49 -6.13 41.62
CA TYR A 244 -21.54 -6.44 42.59
C TYR A 244 -21.84 -7.92 42.54
N HIS A 245 -22.02 -8.53 43.70
CA HIS A 245 -22.33 -9.96 43.79
C HIS A 245 -23.76 -10.20 44.25
N HIS B 8 7.68 -7.85 -39.56
CA HIS B 8 7.08 -8.16 -38.26
C HIS B 8 6.99 -6.91 -37.41
N MET B 9 6.19 -6.99 -36.34
CA MET B 9 6.08 -5.87 -35.40
C MET B 9 7.40 -5.65 -34.70
N LYS B 10 7.84 -4.38 -34.65
CA LYS B 10 9.07 -4.04 -33.93
C LYS B 10 8.70 -3.66 -32.50
N VAL B 11 9.24 -4.39 -31.54
CA VAL B 11 9.03 -4.12 -30.12
C VAL B 11 10.23 -3.36 -29.61
N GLY B 12 9.98 -2.25 -28.92
CA GLY B 12 11.03 -1.45 -28.32
C GLY B 12 10.81 -1.32 -26.83
N ILE B 13 11.88 -1.47 -26.05
CA ILE B 13 11.83 -1.32 -24.62
C ILE B 13 12.41 0.05 -24.36
N LEU B 14 11.53 1.03 -24.08
CA LEU B 14 11.89 2.44 -24.06
C LEU B 14 11.82 2.92 -22.61
N ILE B 15 12.98 3.19 -22.02
CA ILE B 15 13.12 3.44 -20.59
C ILE B 15 13.33 4.93 -20.38
N GLN B 16 12.40 5.59 -19.70
CA GLN B 16 12.57 7.01 -19.42
C GLN B 16 13.43 7.18 -18.17
N ALA B 17 14.42 8.08 -18.26
CA ALA B 17 15.33 8.25 -17.14
C ALA B 17 15.98 9.62 -17.25
N ARG B 18 16.06 10.34 -16.14
CA ARG B 18 16.81 11.57 -16.15
C ARG B 18 17.44 11.77 -14.77
N MET B 19 18.48 12.60 -14.76
CA MET B 19 19.17 12.95 -13.51
C MET B 19 18.34 13.89 -12.65
N GLY B 20 17.67 14.85 -13.27
CA GLY B 20 16.86 15.82 -12.55
C GLY B 20 15.48 15.30 -12.22
N SER B 21 15.43 14.10 -11.63
CA SER B 21 14.15 13.53 -11.22
C SER B 21 13.57 14.32 -10.05
N THR B 22 12.25 14.46 -10.04
CA THR B 22 11.60 15.21 -8.96
C THR B 22 11.98 14.65 -7.59
N ARG B 23 11.98 13.33 -7.44
CA ARG B 23 12.38 12.72 -6.18
C ARG B 23 13.79 12.18 -6.32
N LEU B 24 14.63 12.52 -5.34
CA LEU B 24 16.01 12.05 -5.25
C LEU B 24 16.78 12.25 -6.57
N PRO B 25 16.91 13.51 -7.02
CA PRO B 25 17.68 13.76 -8.25
C PRO B 25 19.09 13.17 -8.15
N GLY B 26 19.55 12.59 -9.27
CA GLY B 26 20.81 11.85 -9.34
C GLY B 26 20.74 10.38 -8.99
N LYS B 27 19.59 9.87 -8.58
CA LYS B 27 19.49 8.50 -8.08
C LYS B 27 19.88 7.49 -9.14
N ILE B 28 19.63 7.79 -10.42
CA ILE B 28 19.91 6.80 -11.45
C ILE B 28 21.40 6.57 -11.59
N ALA B 29 22.23 7.48 -11.07
CA ALA B 29 23.68 7.32 -11.14
C ALA B 29 24.26 6.82 -9.82
N LEU B 30 23.42 6.49 -8.84
CA LEU B 30 23.94 5.99 -7.59
C LEU B 30 24.63 4.63 -7.78
N PRO B 31 25.72 4.37 -7.05
CA PRO B 31 26.33 3.05 -7.09
C PRO B 31 25.32 1.98 -6.69
N PHE B 32 25.34 0.86 -7.41
CA PHE B 32 24.38 -0.22 -7.15
C PHE B 32 25.03 -1.51 -7.63
N GLY B 33 25.36 -2.40 -6.68
CA GLY B 33 26.19 -3.53 -7.05
C GLY B 33 27.51 -3.06 -7.63
N ASP B 34 27.95 -3.70 -8.72
CA ASP B 34 29.18 -3.28 -9.37
C ASP B 34 28.93 -2.23 -10.44
N THR B 35 27.74 -1.64 -10.49
CA THR B 35 27.45 -0.68 -11.54
C THR B 35 26.67 0.50 -10.92
N THR B 36 25.74 1.08 -11.65
CA THR B 36 24.85 2.12 -11.17
C THR B 36 23.42 1.58 -11.11
N ILE B 37 22.52 2.39 -10.52
CA ILE B 37 21.10 2.03 -10.50
C ILE B 37 20.61 1.76 -11.92
N LEU B 38 20.86 2.70 -12.84
CA LEU B 38 20.37 2.51 -14.21
C LEU B 38 21.13 1.40 -14.91
N GLY B 39 22.45 1.32 -14.71
CA GLY B 39 23.22 0.25 -15.35
C GLY B 39 22.79 -1.13 -14.89
N PHE B 40 22.49 -1.27 -13.60
CA PHE B 40 21.93 -2.53 -13.07
C PHE B 40 20.65 -2.88 -13.82
N MET B 41 19.77 -1.90 -14.01
CA MET B 41 18.53 -2.14 -14.74
C MET B 41 18.81 -2.58 -16.17
N LEU B 42 19.77 -1.94 -16.85
CA LEU B 42 20.06 -2.36 -18.22
C LEU B 42 20.59 -3.79 -18.24
N GLU B 43 21.43 -4.16 -17.27
CA GLU B 43 21.93 -5.53 -17.22
C GLU B 43 20.80 -6.53 -17.02
N ARG B 44 19.81 -6.18 -16.18
CA ARG B 44 18.64 -7.04 -16.00
C ARG B 44 17.88 -7.23 -17.31
N LEU B 45 17.76 -6.16 -18.09
CA LEU B 45 17.01 -6.24 -19.33
C LEU B 45 17.77 -6.94 -20.44
N LYS B 46 19.09 -7.06 -20.35
CA LYS B 46 19.85 -7.81 -21.36
C LYS B 46 19.35 -9.24 -21.51
N PHE B 47 18.77 -9.82 -20.45
CA PHE B 47 18.26 -11.18 -20.49
C PHE B 47 16.91 -11.31 -21.21
N SER B 48 16.28 -10.19 -21.57
CA SER B 48 15.03 -10.25 -22.32
C SER B 48 15.26 -10.75 -23.74
N LYS B 49 14.35 -11.59 -24.22
CA LYS B 49 14.45 -11.96 -25.63
C LYS B 49 14.16 -10.77 -26.55
N PHE B 50 13.69 -9.65 -25.99
CA PHE B 50 13.48 -8.43 -26.75
C PHE B 50 14.57 -7.41 -26.47
N GLN B 51 15.72 -7.85 -25.94
CA GLN B 51 16.76 -6.92 -25.52
C GLN B 51 17.39 -6.17 -26.68
N GLU B 52 17.25 -6.67 -27.92
CA GLU B 52 17.88 -6.02 -29.06
C GLU B 52 17.50 -4.54 -29.17
N ASN B 53 16.28 -4.19 -28.74
CA ASN B 53 15.74 -2.86 -29.01
C ASN B 53 15.47 -2.11 -27.71
N VAL B 54 16.47 -2.07 -26.83
CA VAL B 54 16.38 -1.28 -25.62
C VAL B 54 16.89 0.12 -25.94
N VAL B 55 16.17 1.15 -25.47
CA VAL B 55 16.58 2.54 -25.69
C VAL B 55 16.30 3.31 -24.40
N VAL B 56 17.27 4.11 -23.95
CA VAL B 56 17.07 5.00 -22.81
C VAL B 56 16.62 6.35 -23.34
N LEU B 57 15.51 6.84 -22.82
CA LEU B 57 14.93 8.10 -23.25
C LEU B 57 15.25 9.11 -22.14
N THR B 58 16.11 10.08 -22.45
CA THR B 58 16.44 11.10 -21.46
C THR B 58 16.28 12.49 -22.07
N THR B 59 16.71 13.53 -21.37
CA THR B 59 16.55 14.92 -21.81
C THR B 59 17.80 15.40 -22.52
N GLU B 60 17.67 16.58 -23.11
CA GLU B 60 18.80 17.25 -23.74
C GLU B 60 19.56 18.15 -22.76
N GLU B 61 19.20 18.17 -21.48
CA GLU B 61 19.97 18.98 -20.51
C GLU B 61 21.35 18.37 -20.31
N ASN B 62 22.34 19.24 -20.10
CA ASN B 62 23.73 18.79 -19.97
C ASN B 62 23.91 17.76 -18.85
N ILE B 63 23.16 17.87 -17.76
CA ILE B 63 23.34 16.88 -16.70
C ILE B 63 22.99 15.48 -17.20
N ASP B 64 22.11 15.37 -18.20
CA ASP B 64 21.80 14.03 -18.71
C ASP B 64 22.84 13.50 -19.68
N ASP B 65 23.93 14.23 -19.90
CA ASP B 65 25.12 13.57 -20.46
C ASP B 65 25.53 12.37 -19.62
N LYS B 66 25.32 12.44 -18.30
CA LYS B 66 25.62 11.28 -17.45
C LYS B 66 24.71 10.11 -17.79
N THR B 67 23.41 10.38 -17.95
CA THR B 67 22.48 9.33 -18.35
C THR B 67 22.92 8.68 -19.65
N GLU B 68 23.32 9.50 -20.62
CA GLU B 68 23.75 8.96 -21.91
C GLU B 68 25.02 8.13 -21.76
N GLU B 69 25.96 8.62 -20.95
CA GLU B 69 27.18 7.86 -20.69
C GLU B 69 26.87 6.49 -20.09
N ILE B 70 25.93 6.43 -19.13
CA ILE B 70 25.60 5.15 -18.49
C ILE B 70 25.03 4.18 -19.52
N ALA B 71 24.11 4.68 -20.36
CA ALA B 71 23.51 3.82 -21.39
C ALA B 71 24.56 3.33 -22.37
N LYS B 72 25.41 4.25 -22.87
CA LYS B 72 26.43 3.87 -23.83
C LYS B 72 27.38 2.83 -23.26
N LYS B 73 27.76 2.99 -21.99
CA LYS B 73 28.64 2.00 -21.36
C LYS B 73 27.98 0.62 -21.32
N ASN B 74 26.67 0.57 -21.17
CA ASN B 74 25.96 -0.70 -21.21
C ASN B 74 25.53 -1.10 -22.62
N GLY B 75 26.04 -0.42 -23.63
CA GLY B 75 25.80 -0.85 -25.02
C GLY B 75 24.34 -0.70 -25.44
N VAL B 76 23.67 0.34 -24.96
CA VAL B 76 22.26 0.56 -25.18
C VAL B 76 22.07 1.90 -25.88
N SER B 77 21.09 1.98 -26.77
CA SER B 77 20.85 3.20 -27.52
C SER B 77 20.25 4.29 -26.62
N VAL B 78 20.42 5.54 -27.03
CA VAL B 78 19.96 6.69 -26.25
C VAL B 78 19.19 7.62 -27.17
N PHE B 79 18.02 8.05 -26.72
CA PHE B 79 17.32 9.15 -27.39
C PHE B 79 17.16 10.29 -26.40
N ARG B 80 17.45 11.51 -26.85
CA ARG B 80 17.40 12.66 -25.95
C ARG B 80 16.39 13.66 -26.49
N GLY B 81 15.43 14.04 -25.65
CA GLY B 81 14.31 14.89 -26.08
C GLY B 81 13.67 15.62 -24.93
N SER B 82 12.35 15.75 -24.98
CA SER B 82 11.66 16.70 -24.11
C SER B 82 11.78 16.33 -22.63
N ALA B 83 12.06 17.33 -21.81
CA ALA B 83 12.26 17.06 -20.39
C ALA B 83 10.96 16.66 -19.71
N ASN B 84 9.90 17.44 -19.90
CA ASN B 84 8.67 17.14 -19.18
C ASN B 84 7.52 16.67 -20.07
N ASP B 85 7.65 16.72 -21.40
CA ASP B 85 6.61 16.15 -22.26
C ASP B 85 7.01 14.72 -22.62
N LEU B 86 6.62 13.78 -21.76
CA LEU B 86 7.01 12.39 -21.97
C LEU B 86 6.21 11.75 -23.11
N ILE B 87 4.99 12.21 -23.38
CA ILE B 87 4.29 11.73 -24.57
C ILE B 87 5.13 12.05 -25.81
N GLN B 88 5.58 13.29 -25.89
CA GLN B 88 6.41 13.72 -27.03
C GLN B 88 7.73 12.98 -27.07
N ARG B 89 8.42 12.86 -25.92
CA ARG B 89 9.70 12.16 -25.90
C ARG B 89 9.54 10.74 -26.43
N TYR B 90 8.51 10.03 -25.96
CA TYR B 90 8.25 8.66 -26.40
C TYR B 90 7.86 8.59 -27.88
N LEU B 91 7.05 9.55 -28.35
CA LEU B 91 6.66 9.55 -29.76
C LEU B 91 7.86 9.74 -30.66
N ASP B 92 8.69 10.73 -30.35
CA ASP B 92 9.90 10.99 -31.15
C ASP B 92 10.86 9.80 -31.07
N ALA B 93 11.01 9.21 -29.88
CA ALA B 93 11.86 8.04 -29.76
C ALA B 93 11.32 6.90 -30.62
N ALA B 94 10.03 6.58 -30.46
CA ALA B 94 9.42 5.50 -31.24
C ALA B 94 9.66 5.67 -32.72
N LYS B 95 9.44 6.88 -33.24
CA LYS B 95 9.56 7.09 -34.67
C LYS B 95 11.02 7.06 -35.11
N THR B 96 11.93 7.55 -34.27
CA THR B 96 13.35 7.49 -34.57
C THR B 96 13.84 6.05 -34.72
N TYR B 97 13.30 5.13 -33.90
CA TYR B 97 13.73 3.74 -33.93
C TYR B 97 12.72 2.82 -34.61
N ASN B 98 11.73 3.39 -35.30
CA ASN B 98 10.69 2.65 -36.02
C ASN B 98 10.05 1.57 -35.17
N ILE B 99 9.66 1.97 -33.96
CA ILE B 99 9.02 1.09 -32.99
C ILE B 99 7.52 1.07 -33.26
N ASP B 100 6.94 -0.14 -33.31
CA ASP B 100 5.49 -0.31 -33.43
C ASP B 100 4.83 -0.60 -32.08
N ILE B 101 5.52 -1.33 -31.22
CA ILE B 101 5.00 -1.74 -29.91
CA ILE B 101 4.98 -1.71 -29.92
C ILE B 101 5.96 -1.22 -28.86
N ILE B 102 5.46 -0.33 -28.01
CA ILE B 102 6.30 0.34 -27.00
C ILE B 102 6.12 -0.36 -25.66
N VAL B 103 7.23 -0.85 -25.09
CA VAL B 103 7.27 -1.30 -23.70
C VAL B 103 7.77 -0.11 -22.91
N ARG B 104 6.89 0.46 -22.10
CA ARG B 104 7.27 1.64 -21.32
C ARG B 104 7.77 1.20 -19.95
N LEU B 105 9.03 1.55 -19.64
CA LEU B 105 9.63 1.35 -18.33
C LEU B 105 10.18 2.67 -17.82
N THR B 106 10.41 2.74 -16.51
CA THR B 106 10.98 3.93 -15.88
C THR B 106 12.29 3.54 -15.19
N GLY B 107 13.28 4.43 -15.25
CA GLY B 107 14.60 4.09 -14.76
C GLY B 107 14.72 4.07 -13.25
N ASP B 108 13.61 4.10 -12.52
CA ASP B 108 13.63 3.93 -11.08
C ASP B 108 13.19 2.52 -10.67
N CYS B 109 13.27 1.59 -11.61
CA CYS B 109 12.86 0.19 -11.40
C CYS B 109 14.03 -0.74 -11.67
N PRO B 110 15.13 -0.63 -10.90
CA PRO B 110 16.34 -1.38 -11.27
C PRO B 110 16.21 -2.88 -11.09
N LEU B 111 15.20 -3.38 -10.38
CA LEU B 111 15.06 -4.82 -10.23
C LEU B 111 14.04 -5.40 -11.21
N ILE B 112 13.66 -4.64 -12.24
CA ILE B 112 12.74 -5.13 -13.27
C ILE B 112 13.15 -6.53 -13.71
N ASP B 113 12.16 -7.41 -13.90
CA ASP B 113 12.42 -8.82 -14.19
C ASP B 113 12.08 -9.05 -15.66
N SER B 114 13.08 -9.45 -16.44
CA SER B 114 12.88 -9.57 -17.87
C SER B 114 11.93 -10.71 -18.23
N LYS B 115 11.78 -11.72 -17.36
CA LYS B 115 10.88 -12.83 -17.71
C LYS B 115 9.41 -12.40 -17.62
N ILE B 116 9.08 -11.54 -16.63
CA ILE B 116 7.74 -10.95 -16.59
C ILE B 116 7.50 -10.09 -17.83
N LEU B 117 8.47 -9.24 -18.16
CA LEU B 117 8.36 -8.42 -19.36
C LEU B 117 8.09 -9.28 -20.59
N ASP B 118 8.85 -10.36 -20.77
CA ASP B 118 8.72 -11.18 -21.96
C ASP B 118 7.37 -11.87 -22.04
N LEU B 119 6.87 -12.36 -20.90
CA LEU B 119 5.54 -12.95 -20.87
C LEU B 119 4.47 -11.95 -21.28
N MET B 120 4.59 -10.71 -20.81
CA MET B 120 3.60 -9.70 -21.15
C MET B 120 3.69 -9.32 -22.62
N VAL B 121 4.90 -9.17 -23.16
CA VAL B 121 5.00 -8.84 -24.58
C VAL B 121 4.45 -9.99 -25.42
N ASP B 122 4.77 -11.24 -25.04
CA ASP B 122 4.21 -12.39 -25.76
C ASP B 122 2.68 -12.33 -25.80
N LEU B 123 2.06 -12.08 -24.65
CA LEU B 123 0.61 -11.99 -24.57
C LEU B 123 0.08 -10.88 -25.46
N PHE B 124 0.78 -9.75 -25.48
CA PHE B 124 0.39 -8.63 -26.33
C PHE B 124 0.48 -9.02 -27.80
N LEU B 125 1.63 -9.57 -28.21
CA LEU B 125 1.78 -9.93 -29.61
C LEU B 125 0.76 -10.99 -30.03
N TYR B 126 0.46 -11.94 -29.15
CA TYR B 126 -0.41 -13.06 -29.52
C TYR B 126 -1.83 -12.60 -29.82
N ASN B 127 -2.25 -11.50 -29.21
CA ASN B 127 -3.59 -10.94 -29.41
C ASN B 127 -3.54 -9.71 -30.31
N GLN B 128 -2.69 -9.72 -31.34
CA GLN B 128 -2.51 -8.53 -32.17
C GLN B 128 -3.84 -8.07 -32.74
N GLY B 129 -4.19 -6.83 -32.45
CA GLY B 129 -5.44 -6.28 -32.94
C GLY B 129 -6.59 -6.38 -31.97
N ARG B 130 -6.43 -7.10 -30.86
CA ARG B 130 -7.43 -7.15 -29.82
CA ARG B 130 -7.41 -7.17 -29.80
C ARG B 130 -6.98 -6.42 -28.56
N ILE B 131 -5.72 -6.05 -28.48
CA ILE B 131 -5.19 -5.35 -27.31
C ILE B 131 -4.30 -4.24 -27.81
N GLU B 132 -4.49 -3.04 -27.26
CA GLU B 132 -3.61 -1.95 -27.61
C GLU B 132 -2.91 -1.39 -26.39
N PHE B 133 -3.30 -1.80 -25.19
CA PHE B 133 -2.68 -1.34 -23.94
C PHE B 133 -2.73 -2.47 -22.92
N LEU B 134 -1.56 -2.94 -22.50
CA LEU B 134 -1.43 -3.98 -21.48
C LEU B 134 -0.60 -3.40 -20.35
N THR B 135 -1.05 -3.61 -19.11
CA THR B 135 -0.34 -3.09 -17.95
C THR B 135 -0.39 -4.11 -16.83
N ASN B 136 0.63 -4.08 -15.97
CA ASN B 136 0.60 -4.85 -14.74
C ASN B 136 0.56 -3.95 -13.51
N CYS B 137 0.31 -2.65 -13.70
CA CYS B 137 0.42 -1.72 -12.58
C CYS B 137 -0.72 -0.72 -12.56
N PHE B 138 -1.88 -1.07 -13.15
CA PHE B 138 -3.10 -0.35 -12.83
C PHE B 138 -3.62 -0.94 -11.53
N GLN B 139 -4.36 -2.05 -11.58
CA GLN B 139 -4.41 -2.94 -10.41
C GLN B 139 -2.98 -3.36 -10.10
N ARG B 140 -2.59 -3.33 -8.83
CA ARG B 140 -1.21 -3.64 -8.47
C ARG B 140 -1.17 -4.91 -7.63
N THR B 141 -0.62 -6.01 -8.19
CA THR B 141 -0.32 -7.19 -7.39
C THR B 141 1.15 -7.60 -7.44
N PHE B 142 1.98 -6.97 -8.26
CA PHE B 142 3.41 -7.11 -8.12
C PHE B 142 3.96 -6.08 -7.14
N ALA B 143 5.13 -6.37 -6.60
CA ALA B 143 5.88 -5.34 -5.87
C ALA B 143 5.96 -4.05 -6.71
N ARG B 144 5.84 -2.91 -6.05
CA ARG B 144 6.08 -1.66 -6.77
C ARG B 144 7.51 -1.70 -7.30
N GLY B 145 7.71 -1.25 -8.54
CA GLY B 145 9.01 -1.35 -9.17
C GLY B 145 9.13 -2.48 -10.16
N MET B 146 8.10 -3.31 -10.30
CA MET B 146 7.98 -4.24 -11.42
C MET B 146 7.15 -3.67 -12.56
N ASP B 147 6.89 -2.36 -12.57
CA ASP B 147 5.87 -1.76 -13.43
C ASP B 147 6.23 -1.91 -14.89
N ILE B 148 5.29 -2.43 -15.68
CA ILE B 148 5.46 -2.61 -17.12
C ILE B 148 4.17 -2.16 -17.80
N GLU B 149 4.28 -1.32 -18.82
CA GLU B 149 3.14 -0.96 -19.67
C GLU B 149 3.52 -1.17 -21.11
N ILE B 150 2.60 -1.72 -21.90
CA ILE B 150 2.87 -2.01 -23.30
C ILE B 150 1.74 -1.41 -24.13
N PHE B 151 2.08 -0.66 -25.17
CA PHE B 151 1.04 -0.10 -26.01
C PHE B 151 1.56 0.17 -27.41
N THR B 152 0.63 0.29 -28.35
CA THR B 152 0.98 0.55 -29.73
C THR B 152 1.38 2.00 -29.92
N LEU B 153 2.20 2.24 -30.95
CA LEU B 153 2.44 3.61 -31.38
C LEU B 153 1.12 4.31 -31.69
N SER B 154 0.16 3.59 -32.28
CA SER B 154 -1.12 4.21 -32.62
C SER B 154 -1.85 4.71 -31.38
N LEU B 155 -1.86 3.91 -30.31
CA LEU B 155 -2.47 4.40 -29.07
C LEU B 155 -1.75 5.65 -28.59
N LEU B 156 -0.43 5.64 -28.60
CA LEU B 156 0.32 6.81 -28.14
C LEU B 156 -0.01 8.03 -28.99
N GLU B 157 -0.21 7.84 -30.30
CA GLU B 157 -0.55 8.98 -31.14
C GLU B 157 -1.92 9.53 -30.79
N LYS B 158 -2.87 8.64 -30.43
CA LYS B 158 -4.17 9.10 -29.94
C LYS B 158 -4.02 9.93 -28.66
N LEU B 159 -3.23 9.44 -27.70
CA LEU B 159 -3.01 10.19 -26.46
C LEU B 159 -2.40 11.56 -26.74
N ASP B 160 -1.40 11.62 -27.62
CA ASP B 160 -0.83 12.91 -28.01
C ASP B 160 -1.91 13.88 -28.49
N SER B 161 -2.89 13.40 -29.27
CA SER B 161 -3.95 14.29 -29.76
C SER B 161 -5.00 14.58 -28.70
N ILE B 162 -5.30 13.63 -27.81
CA ILE B 162 -6.34 13.80 -26.81
C ILE B 162 -5.86 14.64 -25.64
N CYS B 163 -4.65 14.38 -25.18
CA CYS B 163 -4.19 14.88 -23.89
C CYS B 163 -3.37 16.14 -24.09
N ARG B 164 -3.88 17.25 -23.57
CA ARG B 164 -3.14 18.51 -23.66
C ARG B 164 -2.81 19.11 -22.31
N LEU B 165 -3.14 18.43 -21.18
CA LEU B 165 -2.85 18.89 -19.83
C LEU B 165 -1.42 18.49 -19.41
N PRO B 166 -0.71 19.34 -18.65
CA PRO B 166 0.66 19.00 -18.26
C PRO B 166 0.80 17.64 -17.58
N TYR B 167 -0.15 17.28 -16.71
CA TYR B 167 -0.03 16.03 -15.97
C TYR B 167 -0.09 14.82 -16.91
N GLU B 168 -0.97 14.88 -17.91
CA GLU B 168 -1.06 13.79 -18.88
C GLU B 168 0.19 13.73 -19.76
N ARG B 169 0.71 14.88 -20.19
CA ARG B 169 1.96 14.90 -20.95
C ARG B 169 3.10 14.29 -20.16
N GLU B 170 3.14 14.51 -18.85
CA GLU B 170 4.25 13.98 -18.08
C GLU B 170 4.11 12.48 -17.81
N HIS B 171 2.89 11.99 -17.53
CA HIS B 171 2.76 10.60 -17.09
C HIS B 171 2.25 9.66 -18.15
N ILE B 172 1.79 10.18 -19.29
CA ILE B 172 1.33 9.42 -20.47
C ILE B 172 -0.01 8.73 -20.25
N VAL B 173 -0.09 7.83 -19.28
CA VAL B 173 -1.22 6.90 -19.22
C VAL B 173 -2.47 7.36 -18.46
N PRO B 174 -2.52 8.52 -17.77
CA PRO B 174 -3.72 8.80 -16.99
C PRO B 174 -5.03 8.75 -17.75
N TYR B 175 -5.10 9.27 -18.97
CA TYR B 175 -6.36 9.19 -19.72
C TYR B 175 -6.78 7.75 -19.99
N VAL B 176 -5.84 6.85 -20.25
CA VAL B 176 -6.17 5.44 -20.44
C VAL B 176 -6.75 4.87 -19.15
N GLU B 177 -6.04 5.06 -18.05
CA GLU B 177 -6.47 4.51 -16.78
C GLU B 177 -7.82 5.08 -16.33
N GLU B 178 -8.11 6.35 -16.67
CA GLU B 178 -9.38 6.96 -16.27
C GLU B 178 -10.52 6.64 -17.25
N ASN B 179 -10.24 5.97 -18.37
CA ASN B 179 -11.25 5.71 -19.39
C ASN B 179 -10.96 4.36 -20.07
N THR B 180 -10.76 3.31 -19.26
CA THR B 180 -10.34 2.03 -19.81
C THR B 180 -11.32 1.52 -20.86
N GLU B 181 -12.61 1.79 -20.69
CA GLU B 181 -13.60 1.26 -21.61
C GLU B 181 -13.48 1.89 -22.98
N LYS B 182 -12.68 2.95 -23.12
CA LYS B 182 -12.48 3.57 -24.43
C LYS B 182 -11.38 2.90 -25.24
N PHE B 183 -10.66 1.95 -24.65
CA PHE B 183 -9.49 1.36 -25.24
C PHE B 183 -9.55 -0.15 -25.13
N LYS B 184 -8.81 -0.81 -26.01
CA LYS B 184 -8.65 -2.26 -25.95
C LYS B 184 -7.62 -2.53 -24.87
N PHE B 185 -8.11 -2.49 -23.62
CA PHE B 185 -7.32 -2.40 -22.40
C PHE B 185 -7.31 -3.75 -21.68
N PHE B 186 -6.14 -4.19 -21.20
CA PHE B 186 -6.04 -5.46 -20.46
C PHE B 186 -4.96 -5.40 -19.40
N GLU B 187 -5.11 -6.24 -18.38
CA GLU B 187 -4.17 -6.22 -17.26
C GLU B 187 -3.59 -7.62 -17.03
N TYR B 188 -2.41 -7.60 -16.40
CA TYR B 188 -1.59 -8.79 -16.21
C TYR B 188 -1.36 -8.96 -14.72
N PRO B 189 -1.88 -10.02 -14.10
CA PRO B 189 -1.75 -10.21 -12.66
C PRO B 189 -0.49 -10.97 -12.25
N ASN B 190 -0.09 -10.74 -10.99
CA ASN B 190 0.83 -11.59 -10.26
C ASN B 190 0.04 -12.76 -9.66
N GLU B 191 0.75 -13.84 -9.30
CA GLU B 191 0.08 -15.01 -8.73
C GLU B 191 -0.48 -14.74 -7.32
N ARG B 192 0.04 -13.74 -6.63
CA ARG B 192 -0.42 -13.39 -5.29
C ARG B 192 -0.28 -11.88 -5.20
N ASP B 193 -0.72 -11.29 -4.08
CA ASP B 193 -0.62 -9.83 -3.91
C ASP B 193 0.69 -9.48 -3.20
N ASP B 194 1.69 -9.06 -3.97
CA ASP B 194 2.97 -8.57 -3.45
C ASP B 194 3.04 -7.04 -3.37
N SER B 195 1.90 -6.34 -3.47
CA SER B 195 1.98 -4.89 -3.65
C SER B 195 2.43 -4.16 -2.39
N LYS B 196 2.45 -4.82 -1.23
CA LYS B 196 2.98 -4.15 -0.03
C LYS B 196 4.46 -3.86 -0.15
N TYR B 197 5.17 -4.54 -1.05
CA TYR B 197 6.61 -4.38 -1.14
C TYR B 197 6.92 -3.24 -2.10
N ARG B 198 7.76 -2.29 -1.67
CA ARG B 198 8.11 -1.12 -2.47
CA ARG B 198 8.12 -1.13 -2.48
C ARG B 198 9.56 -1.29 -2.95
N LEU B 199 9.73 -1.60 -4.24
CA LEU B 199 11.04 -1.86 -4.82
C LEU B 199 11.35 -0.91 -5.97
N THR B 200 10.92 0.35 -5.85
CA THR B 200 11.28 1.41 -6.77
C THR B 200 12.11 2.44 -5.97
N ILE B 201 12.91 3.27 -6.63
CA ILE B 201 13.81 4.17 -5.89
C ILE B 201 13.34 5.62 -5.99
N ASP B 202 12.91 6.19 -4.86
CA ASP B 202 12.57 7.61 -4.75
C ASP B 202 13.17 8.25 -3.51
N THR B 203 13.64 7.45 -2.55
CA THR B 203 14.18 7.95 -1.30
C THR B 203 15.45 7.17 -0.96
N ILE B 204 16.23 7.71 -0.03
CA ILE B 204 17.39 6.98 0.48
C ILE B 204 16.97 5.67 1.11
N GLU B 205 15.79 5.64 1.76
CA GLU B 205 15.33 4.40 2.39
C GLU B 205 15.00 3.34 1.32
N ASP B 206 14.39 3.75 0.21
CA ASP B 206 14.25 2.84 -0.93
C ASP B 206 15.61 2.30 -1.36
N TYR B 207 16.57 3.20 -1.52
CA TYR B 207 17.91 2.82 -1.96
C TYR B 207 18.54 1.80 -1.03
N GLU B 208 18.43 1.99 0.29
CA GLU B 208 19.02 1.03 1.22
C GLU B 208 18.29 -0.31 1.17
N THR B 209 16.96 -0.27 1.03
CA THR B 209 16.18 -1.49 0.86
C THR B 209 16.64 -2.26 -0.39
N LEU B 210 16.79 -1.55 -1.52
CA LEU B 210 17.23 -2.21 -2.74
C LEU B 210 18.65 -2.75 -2.61
N LYS B 211 19.55 -1.97 -1.98
CA LYS B 211 20.92 -2.48 -1.77
C LYS B 211 20.90 -3.75 -0.95
N SER B 212 20.01 -3.82 0.07
CA SER B 212 19.93 -5.03 0.88
C SER B 212 19.39 -6.20 0.07
N CYS B 213 18.44 -5.95 -0.84
CA CYS B 213 17.91 -7.01 -1.69
C CYS B 213 19.00 -7.68 -2.51
N ILE B 214 19.79 -6.89 -3.23
CA ILE B 214 20.73 -7.48 -4.18
C ILE B 214 21.89 -8.15 -3.46
N SER B 215 22.14 -7.80 -2.21
CA SER B 215 23.25 -8.42 -1.51
C SER B 215 23.03 -9.91 -1.27
N TYR B 216 21.81 -10.40 -1.44
CA TYR B 216 21.52 -11.81 -1.27
C TYR B 216 21.76 -12.64 -2.52
N PHE B 217 22.18 -12.05 -3.63
CA PHE B 217 22.36 -12.82 -4.86
C PHE B 217 23.75 -12.61 -5.45
N LEU B 218 24.31 -13.68 -6.02
CA LEU B 218 25.65 -13.63 -6.59
C LEU B 218 25.67 -12.93 -7.95
N SER B 219 24.57 -12.97 -8.71
CA SER B 219 24.54 -12.35 -10.02
C SER B 219 23.34 -11.42 -10.14
N LYS B 220 23.10 -10.88 -11.33
CA LYS B 220 21.94 -10.05 -11.56
C LYS B 220 20.82 -10.82 -12.22
N GLU B 221 20.92 -12.15 -12.25
CA GLU B 221 19.98 -12.96 -13.00
C GLU B 221 18.80 -13.47 -12.18
N PHE B 222 18.70 -13.12 -10.90
CA PHE B 222 17.71 -13.73 -10.02
C PHE B 222 16.28 -13.37 -10.44
N SER B 223 15.36 -14.32 -10.27
CA SER B 223 13.99 -14.12 -10.70
C SER B 223 13.22 -13.25 -9.73
N TYR B 224 12.08 -12.73 -10.20
CA TYR B 224 11.16 -12.02 -9.33
C TYR B 224 10.74 -12.87 -8.14
N VAL B 225 10.41 -14.15 -8.36
CA VAL B 225 9.90 -14.93 -7.23
C VAL B 225 11.01 -15.20 -6.22
N ASP B 226 12.25 -15.44 -6.66
CA ASP B 226 13.33 -15.66 -5.70
C ASP B 226 13.58 -14.40 -4.90
N LEU B 227 13.42 -13.24 -5.52
CA LEU B 227 13.60 -11.97 -4.82
C LEU B 227 12.57 -11.80 -3.72
N ILE B 228 11.29 -12.01 -4.05
CA ILE B 228 10.23 -11.90 -3.06
C ILE B 228 10.43 -12.90 -1.92
N GLU B 229 10.81 -14.15 -2.25
CA GLU B 229 11.03 -15.11 -1.17
C GLU B 229 12.20 -14.70 -0.28
N VAL B 230 13.23 -14.07 -0.84
CA VAL B 230 14.32 -13.60 0.00
C VAL B 230 13.83 -12.51 0.94
N ILE B 231 12.96 -11.63 0.45
CA ILE B 231 12.40 -10.58 1.29
C ILE B 231 11.55 -11.18 2.40
N LYS B 232 10.74 -12.19 2.06
CA LYS B 232 9.89 -12.80 3.08
C LYS B 232 10.70 -13.55 4.12
N LYS B 233 11.82 -14.15 3.71
CA LYS B 233 12.68 -14.87 4.66
C LYS B 233 13.55 -13.93 5.49
N ASN B 234 13.77 -12.69 5.03
CA ASN B 234 14.68 -11.74 5.66
C ASN B 234 13.98 -10.39 5.74
N PRO B 235 12.95 -10.26 6.58
CA PRO B 235 12.15 -9.04 6.54
C PRO B 235 12.94 -7.80 6.90
N SER B 236 14.11 -7.96 7.53
CA SER B 236 14.90 -6.78 7.87
C SER B 236 15.39 -6.05 6.62
N ILE B 237 15.35 -6.70 5.46
CA ILE B 237 15.65 -6.03 4.20
C ILE B 237 14.82 -4.77 4.03
N ILE B 238 13.57 -4.81 4.44
CA ILE B 238 12.65 -3.71 4.16
C ILE B 238 12.95 -2.57 5.12
N GLN B 239 13.34 -1.43 4.57
CA GLN B 239 13.68 -0.27 5.39
C GLN B 239 12.86 0.95 4.99
N ASN B 240 11.92 0.77 4.07
CA ASN B 240 11.14 1.84 3.47
C ASN B 240 9.65 1.65 3.75
N GLN B 241 9.33 1.10 4.92
CA GLN B 241 7.93 0.78 5.20
C GLN B 241 7.17 1.93 5.83
N THR B 242 7.79 3.09 6.01
CA THR B 242 7.10 4.26 6.53
C THR B 242 6.89 5.30 5.43
N ILE B 243 5.65 5.69 5.22
CA ILE B 243 5.29 6.68 4.22
C ILE B 243 4.68 7.89 4.91
N TYR B 244 5.06 9.09 4.44
CA TYR B 244 4.57 10.35 4.98
C TYR B 244 3.56 11.00 4.04
N HIS B 245 2.55 11.64 4.62
CA HIS B 245 1.67 12.53 3.87
C HIS B 245 2.49 13.43 2.94
N LYS B 246 2.11 13.47 1.67
CA LYS B 246 2.85 14.22 0.65
C LYS B 246 2.33 15.65 0.51
MG MG C . -11.03 5.32 21.89
C1 EDO D . -6.97 -14.47 17.75
O1 EDO D . -7.63 -14.67 16.49
C2 EDO D . -7.19 -13.05 18.26
O2 EDO D . -6.81 -12.10 17.25
C1 EDO E . -27.83 -9.67 21.59
O1 EDO E . -28.66 -9.93 22.71
C2 EDO E . -28.55 -8.78 20.59
O2 EDO E . -28.25 -9.25 19.26
CL CL F . -4.73 8.95 16.22
MG MG G . 8.53 6.36 -10.21
C1 EDO H . 16.65 -12.06 -15.34
O1 EDO H . 15.69 -12.38 -16.33
C2 EDO H . 16.29 -10.74 -14.66
O2 EDO H . 15.84 -9.76 -15.62
C1 EDO I . 22.56 11.56 -4.22
O1 EDO I . 22.39 12.95 -4.54
C2 EDO I . 21.22 10.87 -4.44
O2 EDO I . 20.96 10.94 -5.84
C1 EDO J . 14.33 7.90 -13.00
O1 EDO J . 13.05 7.34 -13.31
C2 EDO J . 14.56 9.15 -13.82
O2 EDO J . 13.36 9.94 -13.86
C1 EDO K . -3.77 -12.56 -6.71
O1 EDO K . -4.31 -11.73 -5.68
C2 EDO K . -4.19 -12.04 -8.08
O2 EDO K . -4.01 -13.09 -9.05
CL CL L . 12.37 11.16 -17.25
#